data_8RWX
#
_entry.id   8RWX
#
_cell.length_a   40.550
_cell.length_b   182.540
_cell.length_c   143.660
_cell.angle_alpha   90.00
_cell.angle_beta   90.00
_cell.angle_gamma   90.00
#
_symmetry.space_group_name_H-M   'C 2 2 21'
#
loop_
_entity.id
_entity.type
_entity.pdbx_description
1 polymer 'Adenosine receptor A2a,Soluble cytochrome b562'
2 non-polymer 1,3-diethyl-8-[(~{E})-2-(4-methoxy-3-oxidanyl-phenyl)ethenyl]-7-methyl-purine-2,6-dione
3 non-polymer 'OLEIC ACID'
4 non-polymer 'SODIUM ION'
#
_entity_poly.entity_id   1
_entity_poly.type   'polypeptide(L)'
_entity_poly.pdbx_seq_one_letter_code
;MKTIIALSYIFCLVFADYKDDDDGAPPIMGSSVYITVELAIAVLAILGNVLVCWAVWLNSNLQNVTNYFVVSLAAADILV
GVLAIPFAITISTGFCAACHGCLFIACFVLVLAQSSIFSLLAIAIDRYIAIAIPLRYNGLVTGTRAAGIIAICWVLSFAI
GLTPMLGWNNCGQPKEGKAHSQGCGEGQVACLFEDVVPMNYMVYFNFFACVLVPLLLMLGVYLRIFAAARRQLADLEDNW
ETLNDNLKVIEKADNAAQVKDALTKMRAAALDAQKATPPKLEDKSPDSPEMKDFRHGFDILVGQIDDALKLANEGKVKEA
QAAAEQLKTTRNAYIQKYLERARSTLQKEVHAAKSAAIIAGLFALCWLPLHIINCFTFFCPDCSHAPLWLMYLAIVLSHT
NSVVNPFIYAYRIREFRQTFRKIIRSHVLRQQEPFKAAAHHHHHHHHHH
;
_entity_poly.pdbx_strand_id   A
#
loop_
_chem_comp.id
_chem_comp.type
_chem_comp.name
_chem_comp.formula
A1H3H non-polymer 1,3-diethyl-8-[(~{E})-2-(4-methoxy-3-oxidanyl-phenyl)ethenyl]-7-methyl-purine-2,6-dione 'C19 H22 N4 O4'
NA non-polymer 'SODIUM ION' 'Na 1'
OLA non-polymer 'OLEIC ACID' 'C18 H34 O2'
#
# COMPACT_ATOMS: atom_id res chain seq x y z
N GLY A 24 14.34 -1.41 44.87
CA GLY A 24 14.00 -0.58 43.73
C GLY A 24 15.20 0.12 43.11
N ALA A 25 15.62 -0.37 41.94
CA ALA A 25 16.77 0.21 41.26
C ALA A 25 16.48 1.65 40.84
N PRO A 26 17.50 2.50 40.76
CA PRO A 26 17.31 3.87 40.29
C PRO A 26 16.65 3.90 38.92
N PRO A 27 15.61 4.71 38.74
CA PRO A 27 14.90 4.73 37.45
C PRO A 27 15.73 5.28 36.31
N ILE A 28 16.81 6.01 36.60
CA ILE A 28 17.63 6.57 35.53
C ILE A 28 18.37 5.47 34.78
N MET A 29 18.67 4.35 35.45
CA MET A 29 19.32 3.24 34.78
C MET A 29 18.33 2.47 33.90
N GLY A 30 17.12 2.26 34.41
CA GLY A 30 16.02 1.69 33.66
C GLY A 30 15.43 2.56 32.58
N SER A 31 16.07 3.70 32.27
CA SER A 31 15.60 4.60 31.22
C SER A 31 16.66 4.93 30.19
N SER A 32 17.95 4.85 30.55
CA SER A 32 19.02 5.14 29.61
C SER A 32 18.97 4.21 28.40
N VAL A 33 18.56 2.96 28.61
CA VAL A 33 18.42 2.05 27.47
C VAL A 33 17.19 2.41 26.65
N TYR A 34 16.16 3.00 27.28
CA TYR A 34 14.98 3.42 26.53
C TYR A 34 15.29 4.63 25.66
N ILE A 35 15.92 5.65 26.24
CA ILE A 35 16.32 6.83 25.46
C ILE A 35 17.26 6.43 24.33
N THR A 36 18.22 5.53 24.62
CA THR A 36 19.16 5.11 23.60
C THR A 36 18.48 4.39 22.44
N VAL A 37 17.53 3.51 22.75
CA VAL A 37 16.80 2.81 21.70
C VAL A 37 15.94 3.79 20.91
N GLU A 38 15.29 4.73 21.61
CA GLU A 38 14.48 5.73 20.92
C GLU A 38 15.34 6.62 20.02
N LEU A 39 16.52 7.02 20.50
CA LEU A 39 17.40 7.84 19.68
C LEU A 39 18.03 7.04 18.55
N ALA A 40 18.32 5.75 18.76
CA ALA A 40 18.88 4.93 17.70
C ALA A 40 17.88 4.72 16.58
N ILE A 41 16.61 4.52 16.93
CA ILE A 41 15.57 4.36 15.91
C ILE A 41 15.34 5.66 15.17
N ALA A 42 15.44 6.80 15.87
CA ALA A 42 15.21 8.08 15.24
C ALA A 42 16.24 8.36 14.15
N VAL A 43 17.51 8.01 14.41
CA VAL A 43 18.55 8.25 13.41
C VAL A 43 18.30 7.41 12.17
N LEU A 44 17.91 6.15 12.35
CA LEU A 44 17.64 5.28 11.22
C LEU A 44 16.37 5.71 10.48
N ALA A 45 15.43 6.35 11.17
CA ALA A 45 14.22 6.80 10.53
C ALA A 45 14.45 8.03 9.66
N ILE A 46 15.39 8.89 10.06
CA ILE A 46 15.64 10.11 9.30
C ILE A 46 16.47 9.81 8.06
N LEU A 47 17.50 8.97 8.19
CA LEU A 47 18.38 8.69 7.06
C LEU A 47 17.66 7.92 5.96
N GLY A 48 17.00 6.82 6.32
CA GLY A 48 16.42 5.95 5.31
C GLY A 48 15.31 6.61 4.51
N ASN A 49 14.45 7.38 5.17
CA ASN A 49 13.32 7.98 4.49
C ASN A 49 13.72 9.18 3.65
N VAL A 50 14.71 9.97 4.11
CA VAL A 50 15.23 11.06 3.30
C VAL A 50 15.83 10.50 2.00
N LEU A 51 16.48 9.34 2.09
CA LEU A 51 17.05 8.71 0.91
C LEU A 51 15.97 8.39 -0.13
N VAL A 52 14.77 8.05 0.33
CA VAL A 52 13.67 7.81 -0.61
C VAL A 52 13.23 9.10 -1.27
N CYS A 53 13.08 10.17 -0.49
CA CYS A 53 12.70 11.46 -1.05
C CYS A 53 13.77 12.01 -1.98
N TRP A 54 15.03 11.61 -1.78
CA TRP A 54 16.10 12.03 -2.66
C TRP A 54 16.06 11.28 -3.99
N ALA A 55 15.66 10.00 -3.97
CA ALA A 55 15.62 9.22 -5.20
C ALA A 55 14.45 9.63 -6.08
N VAL A 56 13.31 9.97 -5.47
CA VAL A 56 12.15 10.39 -6.25
C VAL A 56 12.42 11.71 -6.95
N TRP A 57 13.10 12.64 -6.28
CA TRP A 57 13.43 13.92 -6.90
C TRP A 57 14.45 13.75 -8.01
N LEU A 58 15.38 12.80 -7.87
CA LEU A 58 16.43 12.63 -8.87
C LEU A 58 15.88 11.93 -10.12
N ASN A 59 15.51 10.66 -9.98
CA ASN A 59 15.05 9.88 -11.12
C ASN A 59 13.61 10.27 -11.47
N SER A 60 13.39 10.59 -12.74
CA SER A 60 12.05 10.89 -13.21
C SER A 60 11.20 9.64 -13.44
N ASN A 61 11.84 8.48 -13.64
CA ASN A 61 11.09 7.24 -13.74
C ASN A 61 10.35 6.94 -12.45
N LEU A 62 10.88 7.38 -11.31
CA LEU A 62 10.22 7.23 -10.03
C LEU A 62 9.16 8.29 -9.78
N GLN A 63 8.95 9.22 -10.71
CA GLN A 63 7.96 10.28 -10.54
C GLN A 63 6.66 9.81 -11.19
N ASN A 64 5.73 9.35 -10.36
CA ASN A 64 4.40 8.93 -10.81
C ASN A 64 3.44 9.07 -9.64
N VAL A 65 2.16 8.83 -9.91
CA VAL A 65 1.12 8.98 -8.89
C VAL A 65 1.38 8.03 -7.73
N THR A 66 1.91 6.83 -8.01
CA THR A 66 2.16 5.85 -6.94
C THR A 66 3.20 6.37 -5.96
N ASN A 67 4.32 6.91 -6.46
CA ASN A 67 5.40 7.34 -5.60
C ASN A 67 5.13 8.67 -4.92
N TYR A 68 4.22 9.50 -5.46
CA TYR A 68 3.87 10.74 -4.79
C TYR A 68 3.21 10.46 -3.45
N PHE A 69 2.54 9.31 -3.32
CA PHE A 69 2.03 8.89 -2.02
C PHE A 69 3.10 8.25 -1.17
N VAL A 70 4.18 7.75 -1.78
CA VAL A 70 5.30 7.23 -1.00
C VAL A 70 6.03 8.36 -0.29
N VAL A 71 6.23 9.48 -0.99
CA VAL A 71 6.88 10.64 -0.37
C VAL A 71 6.00 11.20 0.74
N SER A 72 4.68 11.21 0.52
CA SER A 72 3.76 11.62 1.59
C SER A 72 3.80 10.69 2.79
N LEU A 73 4.27 9.45 2.59
CA LEU A 73 4.45 8.53 3.69
C LEU A 73 5.85 8.64 4.29
N ALA A 74 6.88 8.80 3.45
CA ALA A 74 8.22 9.00 3.95
C ALA A 74 8.33 10.31 4.74
N ALA A 75 7.60 11.34 4.32
CA ALA A 75 7.57 12.59 5.08
C ALA A 75 6.96 12.38 6.46
N ALA A 76 5.96 11.50 6.57
CA ALA A 76 5.39 11.18 7.87
C ALA A 76 6.38 10.40 8.73
N ASP A 77 7.19 9.54 8.12
CA ASP A 77 8.18 8.77 8.87
C ASP A 77 9.37 9.64 9.29
N ILE A 78 9.71 10.66 8.50
CA ILE A 78 10.79 11.56 8.90
C ILE A 78 10.40 12.37 10.12
N LEU A 79 9.18 12.92 10.12
CA LEU A 79 8.71 13.71 11.26
C LEU A 79 8.54 12.88 12.51
N VAL A 80 8.42 11.55 12.39
CA VAL A 80 8.38 10.69 13.57
C VAL A 80 9.71 10.75 14.31
N GLY A 81 10.80 10.53 13.59
CA GLY A 81 12.12 10.59 14.19
C GLY A 81 12.63 11.98 14.50
N VAL A 82 11.99 13.01 13.97
CA VAL A 82 12.40 14.38 14.19
C VAL A 82 11.63 15.03 15.34
N LEU A 83 10.34 14.75 15.44
CA LEU A 83 9.53 15.39 16.47
C LEU A 83 8.78 14.40 17.36
N ALA A 84 8.25 13.32 16.79
CA ALA A 84 7.43 12.40 17.58
C ALA A 84 8.25 11.65 18.61
N ILE A 85 9.44 11.21 18.24
CA ILE A 85 10.31 10.46 19.16
C ILE A 85 10.86 11.40 20.24
N PRO A 86 11.34 12.60 19.91
CA PRO A 86 11.68 13.54 20.99
C PRO A 86 10.50 13.86 21.91
N PHE A 87 9.27 13.82 21.38
CA PHE A 87 8.11 14.02 22.24
C PHE A 87 7.91 12.83 23.18
N ALA A 88 8.19 11.62 22.70
CA ALA A 88 8.00 10.43 23.54
C ALA A 88 8.99 10.42 24.70
N ILE A 89 10.24 10.82 24.45
CA ILE A 89 11.22 10.91 25.53
C ILE A 89 10.81 11.98 26.54
N THR A 90 10.16 13.04 26.07
CA THR A 90 9.79 14.14 26.97
C THR A 90 8.70 13.72 27.94
N ILE A 91 7.63 13.10 27.43
CA ILE A 91 6.51 12.71 28.27
C ILE A 91 6.89 11.59 29.24
N SER A 92 7.92 10.80 28.90
CA SER A 92 8.37 9.73 29.78
C SER A 92 8.72 10.22 31.18
N THR A 93 9.04 11.51 31.32
CA THR A 93 9.40 12.08 32.61
C THR A 93 8.19 12.54 33.42
N GLY A 94 7.05 12.76 32.76
CA GLY A 94 5.89 13.31 33.46
C GLY A 94 6.12 14.74 33.89
N PHE A 95 6.81 15.52 33.07
CA PHE A 95 7.18 16.89 33.42
C PHE A 95 5.95 17.77 33.61
N CYS A 96 6.13 18.85 34.38
CA CYS A 96 5.07 19.81 34.61
C CYS A 96 4.90 20.72 33.40
N ALA A 97 3.65 20.92 32.98
CA ALA A 97 3.33 21.79 31.86
C ALA A 97 1.84 22.07 31.89
N ALA A 98 1.41 22.99 31.04
CA ALA A 98 -0.02 23.25 30.87
C ALA A 98 -0.69 22.00 30.30
N CYS A 99 -1.95 21.80 30.71
CA CYS A 99 -2.66 20.59 30.33
C CYS A 99 -2.87 20.53 28.82
N HIS A 100 -3.13 21.67 28.18
CA HIS A 100 -3.30 21.69 26.74
C HIS A 100 -1.97 21.58 26.01
N GLY A 101 -0.91 22.14 26.55
CA GLY A 101 0.40 21.95 25.96
C GLY A 101 0.87 20.52 26.02
N CYS A 102 0.49 19.80 27.08
CA CYS A 102 0.79 18.37 27.16
C CYS A 102 0.03 17.57 26.12
N LEU A 103 -1.18 18.02 25.77
CA LEU A 103 -2.00 17.31 24.79
C LEU A 103 -1.34 17.28 23.43
N PHE A 104 -0.67 18.37 23.05
CA PHE A 104 0.02 18.42 21.77
C PHE A 104 1.19 17.44 21.73
N ILE A 105 1.97 17.38 22.81
CA ILE A 105 3.11 16.48 22.84
C ILE A 105 2.66 15.03 22.87
N ALA A 106 1.46 14.77 23.40
CA ALA A 106 0.94 13.41 23.52
C ALA A 106 0.18 12.94 22.29
N CYS A 107 -0.41 13.86 21.54
CA CYS A 107 -1.28 13.50 20.43
C CYS A 107 -0.72 13.88 19.06
N PHE A 108 0.51 14.39 18.98
CA PHE A 108 1.07 14.71 17.68
C PHE A 108 1.40 13.45 16.89
N VAL A 109 1.85 12.39 17.57
CA VAL A 109 2.13 11.14 16.90
C VAL A 109 0.87 10.54 16.30
N LEU A 110 -0.31 10.89 16.84
CA LEU A 110 -1.55 10.46 16.23
C LEU A 110 -1.78 11.12 14.87
N VAL A 111 -1.28 12.34 14.69
CA VAL A 111 -1.42 13.03 13.41
C VAL A 111 -0.56 12.33 12.35
N LEU A 112 0.69 12.01 12.70
CA LEU A 112 1.57 11.33 11.77
C LEU A 112 1.09 9.91 11.47
N ALA A 113 0.45 9.27 12.44
CA ALA A 113 -0.08 7.92 12.21
C ALA A 113 -1.31 7.94 11.31
N GLN A 114 -2.10 9.02 11.38
CA GLN A 114 -3.31 9.09 10.57
C GLN A 114 -2.98 9.28 9.09
N SER A 115 -2.04 10.18 8.79
CA SER A 115 -1.67 10.41 7.40
C SER A 115 -0.98 9.19 6.79
N SER A 116 -0.27 8.41 7.61
CA SER A 116 0.35 7.18 7.11
C SER A 116 -0.71 6.18 6.67
N ILE A 117 -1.79 6.05 7.45
CA ILE A 117 -2.90 5.20 7.06
C ILE A 117 -3.54 5.71 5.79
N PHE A 118 -3.70 7.02 5.66
CA PHE A 118 -4.28 7.60 4.46
C PHE A 118 -3.39 7.36 3.24
N SER A 119 -2.07 7.44 3.42
CA SER A 119 -1.16 7.16 2.32
C SER A 119 -1.21 5.69 1.90
N LEU A 120 -1.33 4.78 2.88
CA LEU A 120 -1.45 3.37 2.57
C LEU A 120 -2.74 3.08 1.81
N LEU A 121 -3.86 3.61 2.31
CA LEU A 121 -5.14 3.39 1.64
C LEU A 121 -5.17 4.04 0.26
N ALA A 122 -4.41 5.13 0.07
CA ALA A 122 -4.36 5.77 -1.23
C ALA A 122 -3.58 4.94 -2.24
N ILE A 123 -2.48 4.32 -1.80
CA ILE A 123 -1.67 3.51 -2.69
C ILE A 123 -2.45 2.27 -3.14
N ALA A 124 -3.21 1.67 -2.22
CA ALA A 124 -3.98 0.47 -2.56
C ALA A 124 -5.05 0.79 -3.61
N ILE A 125 -5.69 1.96 -3.49
CA ILE A 125 -6.69 2.36 -4.48
C ILE A 125 -6.03 2.62 -5.83
N ASP A 126 -4.86 3.27 -5.82
CA ASP A 126 -4.16 3.56 -7.06
C ASP A 126 -3.78 2.28 -7.80
N ARG A 127 -3.31 1.27 -7.08
CA ARG A 127 -2.97 0.01 -7.71
C ARG A 127 -4.20 -0.72 -8.22
N TYR A 128 -5.34 -0.58 -7.52
CA TYR A 128 -6.56 -1.22 -7.97
C TYR A 128 -7.03 -0.63 -9.30
N ILE A 129 -6.85 0.67 -9.49
CA ILE A 129 -7.26 1.31 -10.74
C ILE A 129 -6.34 0.89 -11.88
N ALA A 130 -5.07 0.61 -11.59
CA ALA A 130 -4.13 0.26 -12.64
C ALA A 130 -4.42 -1.11 -13.23
N ILE A 131 -4.82 -2.07 -12.38
CA ILE A 131 -5.11 -3.42 -12.85
C ILE A 131 -6.55 -3.54 -13.34
N ALA A 132 -7.51 -2.88 -12.67
CA ALA A 132 -8.90 -2.98 -13.07
C ALA A 132 -9.18 -2.17 -14.34
N ILE A 133 -8.82 -0.89 -14.35
CA ILE A 133 -9.11 -0.02 -15.48
C ILE A 133 -7.82 0.57 -16.03
N PRO A 134 -6.97 -0.21 -16.69
CA PRO A 134 -5.71 0.36 -17.21
C PRO A 134 -5.91 1.34 -18.36
N LEU A 135 -7.01 1.23 -19.10
CA LEU A 135 -7.21 2.11 -20.24
C LEU A 135 -7.57 3.54 -19.81
N ARG A 136 -8.22 3.68 -18.66
CA ARG A 136 -8.62 4.99 -18.14
C ARG A 136 -7.78 5.41 -16.94
N TYR A 137 -6.67 4.72 -16.68
CA TYR A 137 -5.83 5.07 -15.54
C TYR A 137 -5.20 6.45 -15.72
N ASN A 138 -4.69 6.73 -16.92
CA ASN A 138 -4.04 8.02 -17.17
C ASN A 138 -5.02 9.18 -17.09
N GLY A 139 -6.31 8.93 -17.29
CA GLY A 139 -7.31 9.98 -17.23
C GLY A 139 -7.80 10.27 -15.83
N LEU A 140 -7.76 9.26 -14.97
CA LEU A 140 -8.25 9.43 -13.60
C LEU A 140 -7.19 10.06 -12.70
N VAL A 141 -6.06 9.38 -12.51
CA VAL A 141 -4.99 9.90 -11.66
C VAL A 141 -4.14 10.88 -12.45
N THR A 142 -3.70 11.94 -11.79
CA THR A 142 -2.92 12.99 -12.41
C THR A 142 -1.96 13.56 -11.36
N GLY A 143 -0.81 14.04 -11.83
CA GLY A 143 0.17 14.62 -10.93
C GLY A 143 -0.38 15.74 -10.07
N THR A 144 -1.31 16.54 -10.62
CA THR A 144 -1.94 17.61 -9.85
C THR A 144 -3.15 17.14 -9.06
N ARG A 145 -3.83 16.09 -9.52
CA ARG A 145 -4.98 15.56 -8.78
C ARG A 145 -4.54 14.77 -7.56
N ALA A 146 -3.36 14.13 -7.61
CA ALA A 146 -2.85 13.40 -6.46
C ALA A 146 -2.26 14.33 -5.41
N ALA A 147 -1.69 15.47 -5.83
CA ALA A 147 -1.12 16.42 -4.87
C ALA A 147 -2.20 17.01 -3.99
N GLY A 148 -3.36 17.32 -4.55
CA GLY A 148 -4.45 17.84 -3.75
C GLY A 148 -5.02 16.83 -2.78
N ILE A 149 -4.97 15.55 -3.12
CA ILE A 149 -5.43 14.51 -2.21
C ILE A 149 -4.51 14.43 -1.00
N ILE A 150 -3.21 14.58 -1.22
CA ILE A 150 -2.25 14.57 -0.11
C ILE A 150 -2.53 15.70 0.87
N ALA A 151 -2.80 16.90 0.34
CA ALA A 151 -3.08 18.04 1.21
C ALA A 151 -4.37 17.83 2.00
N ILE A 152 -5.39 17.26 1.36
CA ILE A 152 -6.64 16.98 2.06
C ILE A 152 -6.43 15.93 3.16
N CYS A 153 -5.60 14.92 2.88
CA CYS A 153 -5.34 13.89 3.87
C CYS A 153 -4.56 14.44 5.06
N TRP A 154 -3.59 15.32 4.82
CA TRP A 154 -2.83 15.91 5.91
C TRP A 154 -3.70 16.79 6.79
N VAL A 155 -4.68 17.48 6.21
CA VAL A 155 -5.59 18.29 7.01
C VAL A 155 -6.49 17.40 7.86
N LEU A 156 -6.98 16.30 7.28
CA LEU A 156 -7.82 15.37 8.04
C LEU A 156 -7.01 14.64 9.11
N SER A 157 -5.73 14.41 8.88
CA SER A 157 -4.90 13.75 9.87
C SER A 157 -4.67 14.65 11.08
N PHE A 158 -4.57 15.96 10.88
CA PHE A 158 -4.46 16.88 12.01
C PHE A 158 -5.76 16.97 12.79
N ALA A 159 -6.90 16.87 12.11
CA ALA A 159 -8.18 16.93 12.80
C ALA A 159 -8.42 15.67 13.62
N ILE A 160 -8.12 14.50 13.05
CA ILE A 160 -8.33 13.25 13.78
C ILE A 160 -7.32 13.12 14.91
N GLY A 161 -6.06 13.48 14.65
CA GLY A 161 -5.02 13.32 15.65
C GLY A 161 -5.16 14.29 16.82
N LEU A 162 -5.65 15.50 16.57
CA LEU A 162 -5.76 16.52 17.59
C LEU A 162 -7.18 16.68 18.13
N THR A 163 -8.00 15.65 18.00
CA THR A 163 -9.34 15.70 18.57
C THR A 163 -9.35 15.94 20.08
N PRO A 164 -8.49 15.32 20.90
CA PRO A 164 -8.54 15.60 22.34
C PRO A 164 -8.33 17.06 22.70
N MET A 165 -7.59 17.81 21.90
CA MET A 165 -7.35 19.22 22.22
C MET A 165 -8.61 20.06 22.07
N LEU A 166 -9.61 19.59 21.33
CA LEU A 166 -10.86 20.31 21.16
C LEU A 166 -11.83 20.13 22.32
N GLY A 167 -11.39 19.50 23.42
CA GLY A 167 -12.23 19.31 24.59
C GLY A 167 -12.40 17.87 25.02
N TRP A 168 -12.06 16.89 24.19
CA TRP A 168 -12.20 15.48 24.56
C TRP A 168 -10.93 15.01 25.26
N ASN A 169 -10.75 15.51 26.47
CA ASN A 169 -9.54 15.25 27.25
C ASN A 169 -9.89 15.27 28.73
N ASN A 170 -8.88 15.03 29.56
CA ASN A 170 -9.05 14.95 31.01
C ASN A 170 -8.47 16.18 31.72
N CYS A 171 -8.46 17.33 31.04
CA CYS A 171 -8.00 18.55 31.69
C CYS A 171 -8.97 19.02 32.76
N GLY A 172 -10.25 18.69 32.61
CA GLY A 172 -11.25 19.10 33.59
C GLY A 172 -11.16 18.38 34.91
N GLN A 173 -10.54 17.20 34.93
CA GLN A 173 -10.36 16.41 36.15
C GLN A 173 -8.89 16.08 36.33
N PRO A 174 -8.05 17.08 36.67
CA PRO A 174 -6.63 16.80 36.86
C PRO A 174 -6.38 16.04 38.15
N LYS A 175 -5.29 15.28 38.16
CA LYS A 175 -4.87 14.53 39.34
C LYS A 175 -4.02 15.45 40.21
N GLU A 176 -4.65 16.06 41.22
CA GLU A 176 -3.96 17.03 42.06
C GLU A 176 -2.89 16.39 42.94
N GLY A 177 -2.98 15.08 43.19
CA GLY A 177 -1.99 14.43 44.02
C GLY A 177 -0.64 14.31 43.33
N LYS A 178 -0.64 14.07 42.02
CA LYS A 178 0.61 13.95 41.28
C LYS A 178 1.16 15.30 40.86
N ALA A 179 0.31 16.32 40.73
CA ALA A 179 0.78 17.64 40.36
C ALA A 179 1.67 18.22 41.45
N HIS A 180 1.21 18.16 42.70
CA HIS A 180 2.03 18.61 43.82
C HIS A 180 3.28 17.74 43.97
N SER A 181 3.22 16.49 43.53
CA SER A 181 4.34 15.57 43.72
C SER A 181 5.52 15.95 42.84
N GLN A 182 5.26 16.31 41.60
CA GLN A 182 6.31 16.78 40.69
C GLN A 182 6.66 18.24 40.91
N GLY A 183 6.13 18.86 41.96
CA GLY A 183 6.38 20.27 42.20
C GLY A 183 5.75 21.18 41.17
N CYS A 184 4.68 20.74 40.52
CA CYS A 184 4.06 21.53 39.47
C CYS A 184 3.46 22.81 40.05
N GLY A 185 3.60 23.90 39.31
CA GLY A 185 3.05 25.18 39.73
C GLY A 185 1.54 25.21 39.59
N GLU A 186 0.97 26.38 39.89
CA GLU A 186 -0.47 26.56 39.79
C GLU A 186 -0.90 26.51 38.33
N GLY A 187 -1.92 25.69 38.05
CA GLY A 187 -2.41 25.51 36.70
C GLY A 187 -1.69 24.47 35.89
N GLN A 188 -0.57 23.94 36.38
CA GLN A 188 0.21 22.92 35.69
C GLN A 188 -0.16 21.53 36.18
N VAL A 189 0.09 20.54 35.33
CA VAL A 189 -0.18 19.14 35.64
C VAL A 189 1.02 18.30 35.20
N ALA A 190 1.04 17.05 35.65
CA ALA A 190 2.10 16.11 35.27
C ALA A 190 1.75 15.52 33.91
N CYS A 191 2.51 15.89 32.89
CA CYS A 191 2.25 15.45 31.53
C CYS A 191 2.40 13.94 31.39
N LEU A 192 1.29 13.21 31.53
CA LEU A 192 1.27 11.77 31.36
C LEU A 192 0.15 11.40 30.39
N PHE A 193 0.45 10.49 29.47
CA PHE A 193 -0.49 10.18 28.39
C PHE A 193 -1.81 9.64 28.93
N GLU A 194 -1.75 8.65 29.82
CA GLU A 194 -2.97 8.05 30.33
CA GLU A 194 -2.96 8.04 30.36
C GLU A 194 -3.77 9.03 31.17
N ASP A 195 -3.17 10.12 31.62
CA ASP A 195 -3.86 11.09 32.47
C ASP A 195 -4.49 12.23 31.69
N VAL A 196 -4.07 12.47 30.44
CA VAL A 196 -4.60 13.56 29.66
C VAL A 196 -5.46 13.08 28.49
N VAL A 197 -5.15 11.93 27.91
CA VAL A 197 -5.89 11.38 26.77
C VAL A 197 -6.86 10.33 27.30
N PRO A 198 -8.17 10.49 27.11
CA PRO A 198 -9.12 9.47 27.59
C PRO A 198 -8.96 8.17 26.84
N MET A 199 -9.32 7.07 27.50
CA MET A 199 -9.19 5.75 26.89
C MET A 199 -10.32 5.46 25.92
N ASN A 200 -11.49 6.07 26.11
CA ASN A 200 -12.59 5.88 25.17
C ASN A 200 -12.26 6.50 23.80
N TYR A 201 -11.42 7.53 23.78
CA TYR A 201 -10.98 8.10 22.50
C TYR A 201 -9.99 7.17 21.81
N MET A 202 -9.06 6.59 22.57
CA MET A 202 -8.02 5.75 21.96
C MET A 202 -8.58 4.45 21.42
N VAL A 203 -9.62 3.91 22.03
CA VAL A 203 -10.14 2.60 21.66
C VAL A 203 -11.24 2.70 20.62
N TYR A 204 -12.24 3.54 20.85
CA TYR A 204 -13.37 3.63 19.93
C TYR A 204 -13.10 4.57 18.76
N PHE A 205 -12.72 5.81 19.05
CA PHE A 205 -12.58 6.79 17.98
C PHE A 205 -11.30 6.59 17.19
N ASN A 206 -10.18 6.32 17.86
CA ASN A 206 -8.90 6.17 17.16
C ASN A 206 -8.75 4.77 16.57
N PHE A 207 -8.77 3.75 17.44
CA PHE A 207 -8.53 2.38 17.00
C PHE A 207 -9.62 1.87 16.08
N PHE A 208 -10.83 1.70 16.61
CA PHE A 208 -11.89 1.06 15.84
C PHE A 208 -12.25 1.86 14.59
N ALA A 209 -12.56 3.15 14.75
CA ALA A 209 -13.07 3.94 13.65
C ALA A 209 -11.97 4.39 12.70
N CYS A 210 -10.91 5.02 13.23
CA CYS A 210 -9.93 5.69 12.39
C CYS A 210 -8.72 4.82 12.02
N VAL A 211 -8.57 3.64 12.61
CA VAL A 211 -7.45 2.75 12.36
C VAL A 211 -7.91 1.36 11.91
N LEU A 212 -8.77 0.72 12.71
CA LEU A 212 -9.20 -0.64 12.38
C LEU A 212 -10.02 -0.68 11.10
N VAL A 213 -10.99 0.22 10.98
CA VAL A 213 -11.83 0.26 9.78
C VAL A 213 -11.00 0.51 8.52
N PRO A 214 -10.12 1.52 8.46
CA PRO A 214 -9.32 1.70 7.24
C PRO A 214 -8.48 0.48 6.88
N LEU A 215 -7.90 -0.20 7.88
CA LEU A 215 -7.10 -1.39 7.58
C LEU A 215 -7.95 -2.51 7.00
N LEU A 216 -9.20 -2.64 7.43
CA LEU A 216 -10.07 -3.67 6.87
C LEU A 216 -10.40 -3.38 5.41
N LEU A 217 -10.56 -2.11 5.05
CA LEU A 217 -10.77 -1.76 3.65
C LEU A 217 -9.55 -2.09 2.81
N MET A 218 -8.35 -1.85 3.35
CA MET A 218 -7.13 -2.21 2.63
C MET A 218 -7.08 -3.71 2.37
N LEU A 219 -7.51 -4.52 3.34
CA LEU A 219 -7.53 -5.96 3.15
C LEU A 219 -8.51 -6.34 2.03
N GLY A 220 -9.63 -5.63 1.93
CA GLY A 220 -10.62 -5.95 0.91
C GLY A 220 -10.20 -5.51 -0.48
N VAL A 221 -9.55 -4.34 -0.57
CA VAL A 221 -9.11 -3.85 -1.87
C VAL A 221 -8.03 -4.75 -2.45
N TYR A 222 -7.12 -5.23 -1.60
CA TYR A 222 -6.05 -6.10 -2.08
C TYR A 222 -6.59 -7.46 -2.52
N LEU A 223 -7.70 -7.92 -1.93
CA LEU A 223 -8.29 -9.18 -2.37
C LEU A 223 -8.86 -9.05 -3.77
N ARG A 224 -9.48 -7.90 -4.09
CA ARG A 224 -10.00 -7.69 -5.44
C ARG A 224 -8.88 -7.54 -6.45
N ILE A 225 -7.74 -6.96 -6.05
CA ILE A 225 -6.64 -6.78 -6.99
C ILE A 225 -6.07 -8.14 -7.41
N PHE A 226 -5.76 -8.99 -6.44
CA PHE A 226 -5.21 -10.30 -6.76
C PHE A 226 -6.22 -11.19 -7.47
N ALA A 227 -7.51 -11.06 -7.13
CA ALA A 227 -8.53 -11.87 -7.79
C ALA A 227 -8.74 -11.42 -9.23
N ALA A 228 -8.78 -10.11 -9.46
CA ALA A 228 -8.95 -9.60 -10.83
C ALA A 228 -7.75 -9.98 -11.69
N ALA A 229 -6.56 -9.99 -11.11
CA ALA A 229 -5.37 -10.37 -11.86
C ALA A 229 -5.41 -11.84 -12.24
N ARG A 230 -5.87 -12.70 -11.34
CA ARG A 230 -6.01 -14.11 -11.65
C ARG A 230 -7.06 -14.33 -12.74
N ARG A 231 -8.15 -13.55 -12.69
CA ARG A 231 -9.19 -13.67 -13.72
C ARG A 231 -8.65 -13.28 -15.09
N GLN A 232 -7.80 -12.25 -15.15
CA GLN A 232 -7.23 -11.83 -16.43
C GLN A 232 -6.30 -12.90 -16.99
N LEU A 233 -5.55 -13.57 -16.12
CA LEU A 233 -4.68 -14.66 -16.58
C LEU A 233 -5.49 -15.82 -17.12
N ALA A 234 -6.61 -16.14 -16.47
CA ALA A 234 -7.44 -17.25 -16.91
C ALA A 234 -8.05 -16.98 -18.28
N ASP A 235 -8.38 -15.72 -18.58
CA ASP A 235 -8.95 -15.39 -19.88
C ASP A 235 -7.95 -15.65 -21.00
N LEU A 236 -6.71 -15.22 -20.82
CA LEU A 236 -5.69 -15.44 -21.84
C LEU A 236 -5.51 -16.93 -22.13
N GLU A 237 -5.43 -17.75 -21.08
CA GLU A 237 -5.30 -19.19 -21.30
C GLU A 237 -6.57 -19.78 -21.90
N ASP A 238 -7.74 -19.32 -21.44
CA ASP A 238 -8.99 -19.83 -21.98
C ASP A 238 -9.22 -19.33 -23.41
N ASN A 239 -8.91 -18.06 -23.68
CA ASN A 239 -9.01 -17.56 -25.04
C ASN A 239 -7.99 -18.23 -25.96
N TRP A 240 -6.84 -18.61 -25.41
CA TRP A 240 -5.85 -19.34 -26.21
C TRP A 240 -6.31 -20.77 -26.45
N GLU A 241 -6.91 -21.41 -25.43
CA GLU A 241 -7.41 -22.77 -25.61
C GLU A 241 -8.53 -22.80 -26.65
N THR A 242 -9.40 -21.79 -26.64
CA THR A 242 -10.45 -21.70 -27.64
C THR A 242 -9.88 -21.42 -29.03
N LEU A 243 -8.70 -20.81 -29.12
CA LEU A 243 -8.09 -20.52 -30.41
C LEU A 243 -7.47 -21.76 -31.03
N ASN A 244 -6.43 -22.31 -30.40
CA ASN A 244 -5.64 -23.37 -31.02
C ASN A 244 -6.42 -24.67 -31.09
N ASP A 245 -7.09 -25.06 -30.00
CA ASP A 245 -7.79 -26.34 -29.98
C ASP A 245 -8.95 -26.36 -30.99
N ASN A 246 -9.53 -25.19 -31.27
CA ASN A 246 -10.63 -25.15 -32.25
C ASN A 246 -10.10 -25.31 -33.67
N LEU A 247 -8.91 -24.77 -33.95
CA LEU A 247 -8.31 -24.94 -35.28
C LEU A 247 -7.91 -26.40 -35.50
N LYS A 248 -7.46 -27.08 -34.45
CA LYS A 248 -7.13 -28.49 -34.56
C LYS A 248 -8.35 -29.34 -34.84
N VAL A 249 -9.55 -28.84 -34.53
CA VAL A 249 -10.77 -29.59 -34.81
C VAL A 249 -10.98 -29.70 -36.32
N ILE A 250 -10.71 -28.63 -37.06
CA ILE A 250 -10.97 -28.63 -38.49
C ILE A 250 -9.97 -29.48 -39.25
N GLU A 251 -8.82 -29.80 -38.66
CA GLU A 251 -7.88 -30.70 -39.31
C GLU A 251 -8.43 -32.10 -39.47
N LYS A 252 -9.42 -32.48 -38.63
CA LYS A 252 -10.16 -33.72 -38.76
C LYS A 252 -11.64 -33.39 -38.81
N ALA A 253 -12.06 -32.78 -39.93
CA ALA A 253 -13.42 -32.28 -40.08
C ALA A 253 -14.29 -33.28 -40.81
N ASP A 254 -15.58 -32.94 -40.89
CA ASP A 254 -16.56 -33.80 -41.56
C ASP A 254 -17.34 -33.02 -42.62
N ASN A 255 -18.16 -32.07 -42.19
CA ASN A 255 -18.99 -31.29 -43.09
C ASN A 255 -18.49 -29.85 -43.15
N ALA A 256 -18.98 -29.12 -44.16
CA ALA A 256 -18.60 -27.73 -44.34
C ALA A 256 -19.11 -26.84 -43.22
N ALA A 257 -20.18 -27.24 -42.54
CA ALA A 257 -20.66 -26.50 -41.39
C ALA A 257 -19.90 -26.83 -40.11
N GLN A 258 -19.29 -28.02 -40.04
CA GLN A 258 -18.53 -28.39 -38.85
C GLN A 258 -17.31 -27.50 -38.65
N VAL A 259 -16.73 -26.99 -39.74
CA VAL A 259 -15.62 -26.05 -39.60
C VAL A 259 -16.14 -24.63 -39.37
N LYS A 260 -17.34 -24.32 -39.86
CA LYS A 260 -17.92 -23.00 -39.62
C LYS A 260 -18.10 -22.74 -38.13
N ASP A 261 -18.35 -23.79 -37.35
CA ASP A 261 -18.40 -23.64 -35.90
C ASP A 261 -17.02 -23.35 -35.32
N ALA A 262 -16.02 -24.13 -35.73
CA ALA A 262 -14.69 -24.00 -35.13
C ALA A 262 -14.01 -22.70 -35.51
N LEU A 263 -14.16 -22.27 -36.77
CA LEU A 263 -13.61 -20.98 -37.17
C LEU A 263 -14.33 -19.83 -36.48
N THR A 264 -15.63 -19.96 -36.26
CA THR A 264 -16.36 -18.93 -35.52
C THR A 264 -15.96 -18.90 -34.06
N LYS A 265 -15.65 -20.06 -33.48
CA LYS A 265 -15.16 -20.09 -32.11
C LYS A 265 -13.82 -19.38 -32.00
N MET A 266 -12.96 -19.52 -33.02
CA MET A 266 -11.69 -18.81 -33.02
C MET A 266 -11.86 -17.33 -33.29
N ARG A 267 -12.94 -16.94 -33.98
CA ARG A 267 -13.18 -15.53 -34.24
C ARG A 267 -13.60 -14.79 -32.98
N ALA A 268 -14.50 -15.38 -32.19
CA ALA A 268 -14.91 -14.76 -30.94
C ALA A 268 -13.76 -14.70 -29.94
N ALA A 269 -12.85 -15.67 -29.99
CA ALA A 269 -11.67 -15.66 -29.13
C ALA A 269 -10.59 -14.74 -29.64
N ALA A 270 -10.56 -14.44 -30.94
CA ALA A 270 -9.55 -13.52 -31.47
C ALA A 270 -9.84 -12.09 -31.04
N LEU A 271 -11.13 -11.72 -30.97
CA LEU A 271 -11.47 -10.36 -30.54
C LEU A 271 -11.46 -10.24 -29.02
N ASP A 272 -11.88 -11.30 -28.31
CA ASP A 272 -11.85 -11.26 -26.85
C ASP A 272 -10.43 -11.17 -26.31
N ALA A 273 -9.46 -11.76 -27.03
CA ALA A 273 -8.06 -11.66 -26.62
C ALA A 273 -7.40 -10.36 -27.06
N GLN A 274 -7.94 -9.69 -28.08
CA GLN A 274 -7.39 -8.43 -28.53
C GLN A 274 -7.68 -7.30 -27.56
N LYS A 275 -8.67 -7.46 -26.70
CA LYS A 275 -9.03 -6.43 -25.73
C LYS A 275 -7.97 -6.31 -24.64
N LYS A 292 1.29 -1.59 -31.55
CA LYS A 292 1.05 -1.80 -32.97
C LYS A 292 1.72 -3.07 -33.47
N ASP A 293 2.51 -3.69 -32.59
CA ASP A 293 3.17 -4.94 -32.96
C ASP A 293 2.15 -6.07 -33.11
N PHE A 294 1.06 -6.04 -32.34
CA PHE A 294 -0.03 -6.99 -32.50
C PHE A 294 -1.14 -6.47 -33.41
N ARG A 295 -1.13 -5.16 -33.70
CA ARG A 295 -2.15 -4.60 -34.59
C ARG A 295 -2.14 -5.30 -35.94
N HIS A 296 -0.95 -5.51 -36.50
CA HIS A 296 -0.85 -6.35 -37.70
C HIS A 296 -1.13 -7.80 -37.36
N GLY A 297 -0.70 -8.25 -36.18
CA GLY A 297 -0.81 -9.66 -35.83
C GLY A 297 -2.25 -10.16 -35.78
N PHE A 298 -3.16 -9.35 -35.24
CA PHE A 298 -4.56 -9.76 -35.23
C PHE A 298 -5.22 -9.50 -36.58
N ASP A 299 -4.98 -8.32 -37.17
CA ASP A 299 -5.54 -8.01 -38.48
C ASP A 299 -5.18 -9.06 -39.51
N ILE A 300 -3.98 -9.65 -39.40
CA ILE A 300 -3.59 -10.71 -40.32
C ILE A 300 -4.28 -12.03 -39.98
N LEU A 301 -4.41 -12.37 -38.70
CA LEU A 301 -4.98 -13.66 -38.35
C LEU A 301 -6.49 -13.68 -38.49
N VAL A 302 -7.17 -12.62 -38.04
CA VAL A 302 -8.62 -12.56 -38.19
C VAL A 302 -9.02 -12.52 -39.65
N GLY A 303 -8.22 -11.85 -40.49
CA GLY A 303 -8.51 -11.82 -41.91
C GLY A 303 -8.44 -13.19 -42.55
N GLN A 304 -7.46 -14.00 -42.16
CA GLN A 304 -7.38 -15.36 -42.66
C GLN A 304 -8.54 -16.21 -42.17
N ILE A 305 -9.08 -15.90 -40.99
CA ILE A 305 -10.22 -16.64 -40.48
C ILE A 305 -11.46 -16.38 -41.32
N ASP A 306 -11.78 -15.10 -41.56
CA ASP A 306 -12.94 -14.75 -42.37
C ASP A 306 -12.82 -15.29 -43.79
N ASP A 307 -11.60 -15.40 -44.32
CA ASP A 307 -11.36 -16.02 -45.61
C ASP A 307 -11.44 -17.55 -45.56
N ALA A 308 -11.94 -18.11 -44.46
CA ALA A 308 -12.21 -19.53 -44.34
C ALA A 308 -13.66 -19.85 -44.06
N LEU A 309 -14.40 -18.96 -43.38
CA LEU A 309 -15.83 -19.13 -43.22
C LEU A 309 -16.53 -19.13 -44.57
N LYS A 310 -16.23 -18.13 -45.41
CA LYS A 310 -16.85 -18.04 -46.73
C LYS A 310 -16.39 -19.20 -47.61
N LEU A 311 -15.13 -19.62 -47.48
CA LEU A 311 -14.65 -20.75 -48.27
C LEU A 311 -15.39 -22.03 -47.91
N ALA A 312 -15.83 -22.15 -46.66
CA ALA A 312 -16.67 -23.26 -46.23
C ALA A 312 -18.15 -22.95 -46.36
N ASN A 313 -18.52 -21.66 -46.42
CA ASN A 313 -19.90 -21.29 -46.68
C ASN A 313 -20.38 -21.75 -48.05
N GLU A 314 -19.47 -22.20 -48.92
CA GLU A 314 -19.79 -22.67 -50.25
C GLU A 314 -19.52 -24.16 -50.42
N GLY A 315 -19.34 -24.87 -49.30
CA GLY A 315 -19.16 -26.31 -49.32
C GLY A 315 -17.73 -26.78 -49.48
N LYS A 316 -16.82 -25.90 -49.89
CA LYS A 316 -15.43 -26.28 -50.12
C LYS A 316 -14.72 -26.55 -48.80
N VAL A 317 -14.71 -27.83 -48.38
CA VAL A 317 -14.13 -28.18 -47.09
C VAL A 317 -12.62 -28.38 -47.20
N LYS A 318 -12.15 -29.04 -48.27
CA LYS A 318 -10.73 -29.29 -48.41
C LYS A 318 -9.96 -28.02 -48.77
N GLU A 319 -10.58 -27.12 -49.53
CA GLU A 319 -9.91 -25.88 -49.91
C GLU A 319 -9.83 -24.91 -48.74
N ALA A 320 -10.78 -25.00 -47.80
CA ALA A 320 -10.75 -24.12 -46.64
C ALA A 320 -9.71 -24.55 -45.61
N GLN A 321 -9.53 -25.87 -45.44
CA GLN A 321 -8.53 -26.36 -44.49
C GLN A 321 -7.12 -26.00 -44.94
N ALA A 322 -6.88 -25.94 -46.25
CA ALA A 322 -5.55 -25.56 -46.74
C ALA A 322 -5.23 -24.12 -46.39
N ALA A 323 -6.22 -23.22 -46.49
CA ALA A 323 -6.02 -21.85 -46.09
C ALA A 323 -5.88 -21.68 -44.59
N ALA A 324 -6.16 -22.73 -43.81
CA ALA A 324 -6.08 -22.67 -42.36
C ALA A 324 -4.68 -22.96 -41.82
N GLU A 325 -3.85 -23.69 -42.57
CA GLU A 325 -2.46 -23.85 -42.17
C GLU A 325 -1.70 -22.53 -42.21
N GLN A 326 -2.17 -21.57 -43.01
CA GLN A 326 -1.59 -20.24 -43.00
C GLN A 326 -1.83 -19.56 -41.65
N LEU A 327 -2.90 -19.93 -40.95
CA LEU A 327 -3.13 -19.42 -39.61
C LEU A 327 -2.07 -19.90 -38.63
N LYS A 328 -1.52 -21.10 -38.86
CA LYS A 328 -0.57 -21.68 -37.91
C LYS A 328 0.69 -20.84 -37.81
N THR A 329 1.19 -20.32 -38.94
CA THR A 329 2.34 -19.43 -38.90
C THR A 329 2.04 -18.18 -38.11
N THR A 330 0.95 -17.49 -38.45
CA THR A 330 0.54 -16.31 -37.70
C THR A 330 0.33 -16.63 -36.23
N ARG A 331 -0.33 -17.75 -35.93
CA ARG A 331 -0.59 -18.12 -34.54
C ARG A 331 0.71 -18.33 -33.78
N ASN A 332 1.71 -18.96 -34.40
CA ASN A 332 2.93 -19.35 -33.73
C ASN A 332 4.11 -18.45 -34.08
N ALA A 333 3.87 -17.21 -34.48
CA ALA A 333 4.97 -16.30 -34.78
C ALA A 333 4.63 -14.85 -34.47
N TYR A 334 3.64 -14.30 -35.16
CA TYR A 334 3.38 -12.86 -35.10
C TYR A 334 2.32 -12.46 -34.09
N ILE A 335 1.67 -13.42 -33.41
CA ILE A 335 0.67 -13.05 -32.41
C ILE A 335 1.02 -13.65 -31.06
N GLN A 336 1.68 -14.80 -31.06
CA GLN A 336 1.94 -15.49 -29.80
C GLN A 336 2.89 -14.71 -28.90
N LYS A 337 3.71 -13.83 -29.48
CA LYS A 337 4.55 -12.96 -28.67
C LYS A 337 3.72 -12.00 -27.82
N TYR A 338 2.53 -11.64 -28.29
CA TYR A 338 1.69 -10.71 -27.53
C TYR A 338 1.13 -11.35 -26.27
N LEU A 339 0.70 -12.62 -26.37
CA LEU A 339 0.11 -13.28 -25.21
C LEU A 339 1.13 -13.44 -24.09
N GLU A 340 2.42 -13.53 -24.42
CA GLU A 340 3.45 -13.62 -23.39
C GLU A 340 3.92 -12.25 -22.92
N ARG A 341 3.90 -11.23 -23.79
CA ARG A 341 4.21 -9.88 -23.33
C ARG A 341 3.11 -9.33 -22.44
N ALA A 342 1.85 -9.55 -22.81
CA ALA A 342 0.73 -9.17 -21.94
C ALA A 342 0.78 -9.95 -20.64
N ARG A 343 1.13 -11.24 -20.71
CA ARG A 343 1.32 -12.02 -19.50
C ARG A 343 2.53 -11.53 -18.70
N SER A 344 3.56 -11.02 -19.38
CA SER A 344 4.73 -10.51 -18.68
C SER A 344 4.41 -9.22 -17.94
N THR A 345 3.56 -8.37 -18.53
CA THR A 345 3.20 -7.11 -17.88
C THR A 345 2.29 -7.36 -16.69
N LEU A 346 1.37 -8.32 -16.81
CA LEU A 346 0.47 -8.64 -15.70
C LEU A 346 1.26 -9.12 -14.48
N GLN A 347 2.23 -10.02 -14.69
CA GLN A 347 3.05 -10.48 -13.58
C GLN A 347 3.86 -9.34 -12.98
N LYS A 348 4.31 -8.39 -13.81
CA LYS A 348 5.01 -7.22 -13.30
C LYS A 348 4.10 -6.36 -12.44
N GLU A 349 2.86 -6.15 -12.89
CA GLU A 349 1.94 -5.28 -12.15
C GLU A 349 1.51 -5.90 -10.84
N VAL A 350 1.33 -7.22 -10.82
CA VAL A 350 0.95 -7.91 -9.58
C VAL A 350 2.09 -7.86 -8.57
N HIS A 351 3.33 -7.95 -9.05
CA HIS A 351 4.48 -7.89 -8.17
C HIS A 351 4.52 -6.58 -7.38
N ALA A 352 4.05 -5.49 -7.99
CA ALA A 352 3.96 -4.23 -7.28
C ALA A 352 2.82 -4.25 -6.27
N ALA A 353 1.75 -4.98 -6.56
CA ALA A 353 0.64 -5.10 -5.61
C ALA A 353 1.08 -5.84 -4.36
N LYS A 354 1.95 -6.86 -4.52
CA LYS A 354 2.48 -7.55 -3.35
C LYS A 354 3.42 -6.65 -2.56
N SER A 355 4.27 -5.88 -3.26
CA SER A 355 5.22 -5.01 -2.58
C SER A 355 4.50 -3.97 -1.74
N ALA A 356 3.41 -3.40 -2.25
CA ALA A 356 2.64 -2.42 -1.47
C ALA A 356 1.86 -3.10 -0.35
N ALA A 357 1.37 -4.31 -0.58
CA ALA A 357 0.62 -5.01 0.46
C ALA A 357 1.52 -5.44 1.60
N ILE A 358 2.78 -5.80 1.30
CA ILE A 358 3.72 -6.15 2.36
C ILE A 358 3.95 -4.95 3.28
N ILE A 359 4.00 -3.75 2.70
CA ILE A 359 4.21 -2.55 3.51
C ILE A 359 3.00 -2.27 4.38
N ALA A 360 1.80 -2.36 3.82
CA ALA A 360 0.59 -2.13 4.60
C ALA A 360 0.41 -3.19 5.67
N GLY A 361 0.84 -4.42 5.41
CA GLY A 361 0.78 -5.46 6.42
C GLY A 361 1.75 -5.22 7.56
N LEU A 362 2.96 -4.75 7.24
CA LEU A 362 3.94 -4.45 8.28
C LEU A 362 3.54 -3.24 9.13
N PHE A 363 2.68 -2.37 8.61
CA PHE A 363 2.19 -1.26 9.41
C PHE A 363 1.24 -1.75 10.50
N ALA A 364 0.31 -2.65 10.14
CA ALA A 364 -0.63 -3.15 11.12
C ALA A 364 0.05 -4.02 12.17
N LEU A 365 1.14 -4.70 11.80
CA LEU A 365 1.84 -5.54 12.76
C LEU A 365 2.53 -4.71 13.83
N CYS A 366 3.12 -3.58 13.44
CA CYS A 366 3.85 -2.74 14.39
C CYS A 366 2.95 -1.91 15.29
N TRP A 367 1.66 -1.77 14.94
CA TRP A 367 0.76 -0.90 15.69
C TRP A 367 -0.33 -1.63 16.45
N LEU A 368 -0.64 -2.87 16.08
CA LEU A 368 -1.67 -3.62 16.81
C LEU A 368 -1.30 -3.91 18.26
N PRO A 369 -0.06 -4.31 18.61
CA PRO A 369 0.23 -4.57 20.04
C PRO A 369 -0.08 -3.41 20.95
N LEU A 370 0.22 -2.17 20.54
CA LEU A 370 -0.10 -1.02 21.36
C LEU A 370 -1.61 -0.84 21.50
N HIS A 371 -2.36 -1.08 20.42
CA HIS A 371 -3.79 -0.83 20.46
C HIS A 371 -4.53 -1.86 21.31
N ILE A 372 -4.03 -3.10 21.34
CA ILE A 372 -4.68 -4.11 22.17
C ILE A 372 -4.36 -3.90 23.65
N ILE A 373 -3.19 -3.36 23.96
CA ILE A 373 -2.88 -3.01 25.35
C ILE A 373 -3.88 -1.99 25.87
N ASN A 374 -4.13 -0.94 25.07
CA ASN A 374 -5.15 0.04 25.43
C ASN A 374 -6.52 -0.62 25.60
N CYS A 375 -6.88 -1.50 24.67
CA CYS A 375 -8.15 -2.22 24.75
C CYS A 375 -8.29 -2.93 26.09
N PHE A 376 -7.21 -3.56 26.56
CA PHE A 376 -7.26 -4.26 27.84
C PHE A 376 -7.47 -3.31 29.00
N THR A 377 -6.62 -2.28 29.09
CA THR A 377 -6.73 -1.28 30.15
C THR A 377 -8.12 -0.66 30.19
N PHE A 378 -8.80 -0.60 29.05
CA PHE A 378 -10.12 0.02 28.97
C PHE A 378 -11.25 -0.98 29.13
N PHE A 379 -11.07 -2.23 28.69
CA PHE A 379 -12.15 -3.20 28.73
C PHE A 379 -12.14 -4.06 29.99
N CYS A 380 -10.96 -4.39 30.51
CA CYS A 380 -10.84 -5.13 31.77
C CYS A 380 -10.24 -4.20 32.82
N PRO A 381 -11.06 -3.51 33.62
CA PRO A 381 -10.50 -2.68 34.70
C PRO A 381 -10.07 -3.51 35.89
N ASP A 382 -10.76 -4.62 36.15
CA ASP A 382 -10.36 -5.52 37.22
C ASP A 382 -8.98 -6.10 36.98
N CYS A 383 -8.55 -6.17 35.72
CA CYS A 383 -7.20 -6.60 35.40
C CYS A 383 -6.18 -5.58 35.90
N SER A 384 -4.97 -6.06 36.15
CA SER A 384 -3.87 -5.18 36.48
C SER A 384 -3.27 -4.58 35.21
N HIS A 385 -2.94 -3.29 35.28
CA HIS A 385 -2.39 -2.61 34.12
C HIS A 385 -1.11 -3.30 33.65
N ALA A 386 -0.90 -3.26 32.34
CA ALA A 386 0.30 -3.88 31.77
C ALA A 386 1.54 -3.25 32.39
N PRO A 387 2.59 -4.04 32.64
CA PRO A 387 3.79 -3.49 33.28
C PRO A 387 4.48 -2.47 32.39
N LEU A 388 5.33 -1.66 33.02
CA LEU A 388 6.00 -0.58 32.30
C LEU A 388 6.93 -1.13 31.22
N TRP A 389 7.62 -2.24 31.50
CA TRP A 389 8.54 -2.79 30.52
C TRP A 389 7.82 -3.24 29.25
N LEU A 390 6.57 -3.69 29.38
CA LEU A 390 5.79 -4.04 28.19
C LEU A 390 5.30 -2.80 27.45
N MET A 391 5.00 -1.72 28.19
CA MET A 391 4.65 -0.47 27.54
C MET A 391 5.80 0.08 26.71
N TYR A 392 7.04 -0.12 27.18
CA TYR A 392 8.20 0.35 26.43
C TYR A 392 8.42 -0.46 25.16
N LEU A 393 8.08 -1.74 25.18
CA LEU A 393 8.26 -2.57 23.99
C LEU A 393 7.21 -2.26 22.94
N ALA A 394 5.98 -1.97 23.36
CA ALA A 394 4.92 -1.66 22.40
C ALA A 394 5.15 -0.32 21.73
N ILE A 395 5.67 0.65 22.48
CA ILE A 395 5.93 1.98 21.90
C ILE A 395 7.13 1.93 20.97
N VAL A 396 8.21 1.26 21.40
CA VAL A 396 9.39 1.13 20.55
C VAL A 396 9.04 0.36 19.27
N LEU A 397 8.22 -0.69 19.39
CA LEU A 397 7.80 -1.44 18.21
C LEU A 397 6.96 -0.59 17.27
N SER A 398 6.14 0.32 17.81
CA SER A 398 5.34 1.19 16.96
C SER A 398 6.20 2.19 16.19
N HIS A 399 7.33 2.59 16.78
CA HIS A 399 8.25 3.51 16.10
C HIS A 399 9.09 2.81 15.05
N THR A 400 9.26 1.49 15.16
CA THR A 400 10.06 0.74 14.19
C THR A 400 9.47 0.80 12.78
N ASN A 401 8.16 1.04 12.68
CA ASN A 401 7.52 1.14 11.37
C ASN A 401 8.16 2.21 10.49
N SER A 402 8.72 3.25 11.10
CA SER A 402 9.34 4.34 10.38
C SER A 402 10.72 3.99 9.84
N VAL A 403 11.13 2.73 9.90
CA VAL A 403 12.48 2.33 9.50
C VAL A 403 12.40 1.25 8.43
N VAL A 404 11.37 0.40 8.52
CA VAL A 404 11.29 -0.76 7.63
C VAL A 404 10.88 -0.38 6.21
N ASN A 405 10.23 0.77 6.02
CA ASN A 405 9.73 1.11 4.69
C ASN A 405 10.85 1.34 3.67
N PRO A 406 11.92 2.08 3.97
CA PRO A 406 13.00 2.23 2.98
C PRO A 406 13.64 0.90 2.59
N PHE A 407 13.57 -0.12 3.44
CA PHE A 407 14.12 -1.42 3.09
C PHE A 407 13.25 -2.17 2.09
N ILE A 408 11.92 -2.01 2.18
CA ILE A 408 11.03 -2.73 1.30
C ILE A 408 11.13 -2.20 -0.13
N TYR A 409 11.29 -0.88 -0.28
CA TYR A 409 11.43 -0.30 -1.61
C TYR A 409 12.63 -0.89 -2.34
N ALA A 410 13.77 -1.03 -1.67
CA ALA A 410 14.95 -1.55 -2.30
C ALA A 410 14.78 -3.04 -2.64
N TYR A 411 14.59 -3.87 -1.62
CA TYR A 411 14.56 -5.32 -1.80
C TYR A 411 13.46 -5.79 -2.76
N ARG A 412 12.52 -4.93 -3.12
CA ARG A 412 11.41 -5.33 -3.97
C ARG A 412 11.28 -4.54 -5.26
N ILE A 413 11.74 -3.28 -5.30
CA ILE A 413 11.69 -2.47 -6.51
C ILE A 413 13.10 -2.32 -7.04
N ARG A 414 13.30 -2.67 -8.31
CA ARG A 414 14.64 -2.62 -8.89
C ARG A 414 15.09 -1.19 -9.12
N GLU A 415 14.20 -0.33 -9.61
CA GLU A 415 14.59 1.04 -9.94
C GLU A 415 14.92 1.85 -8.69
N PHE A 416 14.28 1.56 -7.56
CA PHE A 416 14.64 2.23 -6.32
C PHE A 416 16.02 1.80 -5.84
N ARG A 417 16.38 0.54 -6.08
CA ARG A 417 17.71 0.06 -5.68
C ARG A 417 18.81 0.80 -6.43
N GLN A 418 18.72 0.84 -7.76
CA GLN A 418 19.77 1.43 -8.57
C GLN A 418 19.91 2.92 -8.29
N THR A 419 18.78 3.62 -8.18
CA THR A 419 18.83 5.05 -7.85
C THR A 419 19.47 5.27 -6.49
N PHE A 420 19.17 4.39 -5.53
CA PHE A 420 19.86 4.45 -4.24
C PHE A 420 21.36 4.30 -4.42
N ARG A 421 21.79 3.22 -5.09
CA ARG A 421 23.21 2.93 -5.24
C ARG A 421 23.96 4.10 -5.88
N LYS A 422 23.33 4.80 -6.83
CA LYS A 422 23.97 5.97 -7.43
C LYS A 422 24.15 7.08 -6.41
N ILE A 423 23.32 7.11 -5.36
CA ILE A 423 23.49 8.12 -4.33
C ILE A 423 24.67 7.80 -3.45
N ILE A 424 24.88 6.52 -3.11
CA ILE A 424 26.05 6.14 -2.33
C ILE A 424 27.34 6.41 -3.12
N ARG A 425 27.37 5.99 -4.39
CA ARG A 425 28.59 6.17 -5.17
C ARG A 425 28.91 7.65 -5.37
N SER A 426 27.90 8.46 -5.64
CA SER A 426 28.07 9.89 -5.85
C SER A 426 27.91 10.71 -4.58
N HIS A 427 28.37 10.18 -3.45
CA HIS A 427 28.36 10.92 -2.18
C HIS A 427 29.45 10.40 -1.26
N VAL A 428 29.64 9.09 -1.23
CA VAL A 428 30.73 8.51 -0.44
C VAL A 428 32.09 9.01 -0.92
N LEU A 429 32.21 9.30 -2.21
CA LEU A 429 33.42 9.90 -2.77
C LEU A 429 33.13 11.32 -3.23
N1 A1H3H B . 2.46 7.28 24.49
N3 A1H3H B . 2.12 6.35 26.74
C4 A1H3H B . 4.24 8.63 25.56
C5 A1H3H B . 1.81 6.48 25.43
C6 A1H3H B . 0.78 5.68 25.06
C8 A1H3H B . 1.25 5.44 27.19
C13 A1H3H B . 5.60 6.02 30.52
C15 A1H3H B . 8.35 5.81 28.23
C9 A1H3H B . 1.23 4.91 28.55
C17 A1H3H B . 4.25 4.84 28.42
C1 A1H3H B . 0.59 6.41 21.43
C2 A1H3H B . 1.90 7.42 23.24
C3 A1H3H B . 3.91 7.49 24.63
C14 A1H3H B . 6.31 5.51 29.43
C16 A1H3H B . 5.63 4.91 28.39
C19 A1H3H B . 0.32 5.56 23.71
O1 A1H3H B . 7.66 5.71 29.48
N A1H3H B . 0.97 6.46 22.85
C A1H3H B . -0.63 7.25 21.14
O A1H3H B . 2.21 8.34 22.50
C10 A1H3H B . 2.06 5.35 29.50
C11 A1H3H B . 3.52 5.35 29.50
C12 A1H3H B . 4.23 5.93 30.56
C7 A1H3H B . -0.69 4.05 26.36
N2 A1H3H B . 0.41 5.01 26.22
O2 A1H3H B . 6.27 6.59 31.57
O3 A1H3H B . -0.54 4.80 23.28
C1 OLA C . 19.76 20.30 -7.93
O1 OLA C . 20.96 19.98 -8.04
O2 OLA C . 19.00 20.11 -8.90
C2 OLA C . 19.24 20.92 -6.65
C3 OLA C . 19.21 19.85 -5.56
C4 OLA C . 17.79 19.60 -5.08
C5 OLA C . 17.78 18.73 -3.83
C6 OLA C . 16.67 17.68 -3.90
C7 OLA C . 15.42 18.15 -3.14
C8 OLA C . 15.44 17.65 -1.70
C9 OLA C . 15.09 16.18 -1.66
C10 OLA C . 14.51 15.60 -0.45
C11 OLA C . 15.03 16.01 0.91
C12 OLA C . 14.12 15.45 2.00
C13 OLA C . 14.55 15.94 3.38
C14 OLA C . 13.87 17.24 3.75
C15 OLA C . 14.55 17.92 4.92
C16 OLA C . 14.59 17.00 6.14
C17 OLA C . 14.91 17.78 7.40
C8 OLA D . -3.54 -9.05 2.10
C9 OLA D . -2.14 -8.50 2.30
C10 OLA D . -1.93 -7.33 3.15
C11 OLA D . -2.83 -6.12 3.00
C12 OLA D . -2.61 -5.17 4.19
C13 OLA D . -3.06 -5.83 5.48
C14 OLA D . -3.75 -4.81 6.39
C15 OLA D . -3.83 -5.31 7.83
C16 OLA D . -4.62 -6.60 7.93
C17 OLA D . -5.03 -6.88 9.37
C18 OLA D . -5.99 -5.81 9.88
C1 OLA E . 12.52 -1.04 32.76
O1 OLA E . 13.01 -2.13 33.14
O2 OLA E . 12.19 -0.18 33.61
C2 OLA E . 12.31 -0.78 31.29
C3 OLA E . 13.65 -0.50 30.62
C4 OLA E . 13.84 -1.32 29.35
C5 OLA E . 12.86 -0.86 28.28
C6 OLA E . 13.14 -1.57 26.96
C7 OLA E . 13.44 -0.56 25.86
C8 OLA E . 13.39 -1.24 24.50
C9 OLA E . 14.72 -1.89 24.22
C10 OLA E . 14.89 -2.74 23.03
C11 OLA E . 14.02 -3.95 22.84
C12 OLA E . 14.28 -4.57 21.48
C13 OLA E . 13.46 -3.90 20.40
C14 OLA E . 12.30 -4.79 20.01
C15 OLA E . 11.78 -4.47 18.61
C16 OLA E . 10.59 -5.36 18.26
C1 OLA F . -1.44 26.82 26.80
O1 OLA F . -1.91 26.46 27.90
O2 OLA F . -1.76 27.94 26.34
C2 OLA F . -0.48 25.93 26.04
C3 OLA F . -0.45 26.34 24.57
C4 OLA F . -0.84 25.18 23.67
C5 OLA F . -0.56 25.51 22.20
C6 OLA F . 0.64 24.75 21.68
C7 OLA F . 0.52 24.45 20.19
C8 OLA F . 1.43 25.34 19.36
C9 OLA F . 1.72 24.69 18.04
C10 OLA F . 2.94 25.02 17.30
C1 OLA G . 9.01 22.76 29.31
O1 OLA G . 7.86 22.32 29.50
O2 OLA G . 9.21 23.98 29.44
C2 OLA G . 10.13 21.83 28.92
C3 OLA G . 9.67 20.89 27.80
C4 OLA G . 10.25 21.33 26.46
C5 OLA G . 9.70 20.50 25.31
C6 OLA G . 10.45 20.81 24.02
C7 OLA G . 10.62 19.57 23.16
C8 OLA G . 11.46 19.89 21.93
C9 OLA G . 11.68 18.63 21.11
C10 OLA G . 12.48 18.70 19.88
C11 OLA G . 12.42 19.93 19.01
C12 OLA G . 13.25 19.73 17.75
C13 OLA G . 14.70 19.40 18.07
C14 OLA G . 15.07 18.01 17.59
C15 OLA G . 15.30 17.98 16.08
C1 OLA H . 15.89 23.44 30.53
O1 OLA H . 16.39 22.29 30.60
O2 OLA H . 15.94 24.18 31.53
C2 OLA H . 15.27 23.92 29.24
C3 OLA H . 14.60 22.76 28.52
C4 OLA H . 15.47 22.26 27.39
C5 OLA H . 14.70 21.38 26.42
C6 OLA H . 14.34 22.15 25.15
C7 OLA H . 14.92 21.47 23.91
C8 OLA H . 15.02 22.43 22.74
C9 OLA H . 16.00 21.87 21.74
C10 OLA H . 16.32 22.62 20.51
C11 OLA H . 15.21 23.21 19.67
C12 OLA H . 15.78 23.69 18.35
C13 OLA H . 14.68 24.22 17.43
C14 OLA H . 14.94 23.82 15.99
C1 OLA I . 14.35 17.30 33.26
O1 OLA I . 13.62 16.93 34.20
O2 OLA I . 15.51 17.69 33.49
C2 OLA I . 13.83 17.25 31.84
C3 OLA I . 14.74 18.07 30.93
C4 OLA I . 13.95 18.90 29.93
C5 OLA I . 12.99 18.05 29.12
C6 OLA I . 13.31 18.13 27.63
C7 OLA I . 12.86 16.87 26.92
C8 OLA I . 13.95 16.25 26.06
C9 OLA I . 14.01 16.92 24.71
C10 OLA I . 14.56 16.19 23.55
C11 OLA I . 15.68 15.21 23.75
C12 OLA I . 16.11 14.62 22.40
C13 OLA I . 16.71 15.70 21.50
C14 OLA I . 17.35 15.10 20.26
C15 OLA I . 16.32 14.87 19.15
C16 OLA I . 17.00 14.51 17.84
C17 OLA I . 17.33 13.02 17.74
C18 OLA I . 18.10 12.71 16.47
C1 OLA J . 1.29 17.91 -2.40
C2 OLA J . 2.02 18.91 -1.50
C3 OLA J . 1.10 19.38 -0.37
C4 OLA J . 1.50 18.73 0.94
C5 OLA J . 0.56 19.11 2.08
C6 OLA J . 0.92 20.49 2.56
C7 OLA J . 0.87 20.81 4.00
C8 OLA J . -0.29 20.36 4.85
C9 OLA J . -0.07 20.85 6.28
C10 OLA J . -1.32 20.69 7.14
C11 OLA J . -1.66 22.02 7.80
C12 OLA J . -2.38 21.81 9.13
C13 OLA J . -2.95 23.12 9.64
C14 OLA J . -3.12 23.11 11.15
C15 OLA J . -1.75 23.16 11.85
C1 OLA K . 22.23 8.48 27.27
O1 OLA K . 22.56 8.83 28.42
O2 OLA K . 21.75 7.35 27.08
C2 OLA K . 22.42 9.43 26.10
C3 OLA K . 22.47 8.63 24.81
C4 OLA K . 23.61 9.09 23.91
C5 OLA K . 23.88 8.06 22.82
C6 OLA K . 22.58 7.49 22.28
C7 OLA K . 22.82 6.59 21.08
C8 OLA K . 21.65 6.66 20.10
C9 OLA K . 21.71 7.98 19.36
C1 OLA L . 22.39 6.16 4.59
O1 OLA L . 23.59 5.90 4.39
O2 OLA L . 21.88 7.16 4.03
C2 OLA L . 21.56 5.31 5.51
C3 OLA L . 21.08 4.07 4.77
C4 OLA L . 19.66 3.69 5.17
C5 OLA L . 19.56 3.50 6.68
C6 OLA L . 18.78 2.24 7.02
C7 OLA L . 17.32 2.56 7.31
C1 OLA M . 11.74 -7.72 31.50
O1 OLA M . 12.45 -8.38 32.28
O2 OLA M . 10.85 -6.98 31.96
C2 OLA M . 11.95 -7.82 30.00
C3 OLA M . 13.06 -6.85 29.58
C4 OLA M . 12.76 -6.23 28.23
C5 OLA M . 12.58 -7.32 27.16
C6 OLA M . 13.25 -6.91 25.85
C1 OLA N . 8.49 15.05 -6.79
O1 OLA N . 8.07 13.87 -6.70
O2 OLA N . 8.12 15.75 -7.73
C2 OLA N . 9.45 15.59 -5.74
C3 OLA N . 8.72 15.76 -4.42
C4 OLA N . 9.46 15.05 -3.30
C5 OLA N . 10.78 15.77 -2.98
C6 OLA N . 10.70 16.58 -1.69
C7 OLA N . 9.87 15.87 -0.62
C8 OLA N . 9.98 16.58 0.73
C9 OLA N . 9.02 15.92 1.70
C10 OLA N . 8.83 16.45 3.05
C11 OLA N . 10.01 16.80 3.94
C12 OLA N . 9.57 16.75 5.39
C13 OLA N . 10.68 17.20 6.34
C14 OLA N . 10.27 18.45 7.13
C15 OLA N . 11.44 19.00 7.92
C7 OLA O . 15.67 -4.84 7.68
C8 OLA O . 15.46 -4.61 9.17
C9 OLA O . 14.81 -3.26 9.39
C10 OLA O . 14.79 -2.67 10.73
C11 OLA O . 14.72 -3.59 11.94
C12 OLA O . 14.56 -2.76 13.21
C13 OLA O . 15.74 -1.82 13.41
C14 OLA O . 16.10 -1.71 14.89
C15 OLA O . 16.90 -0.44 15.18
C16 OLA O . 17.51 -0.50 16.58
C1 OLA P . 6.18 -10.54 4.99
C2 OLA P . 6.02 -9.68 6.21
C3 OLA P . 4.55 -9.44 6.51
C4 OLA P . 3.67 -9.74 5.29
C5 OLA P . 2.19 -9.52 5.60
C6 OLA P . 1.84 -10.01 7.00
C7 OLA P . 0.88 -9.05 7.70
C8 OLA P . -0.57 -9.47 7.49
C9 OLA P . -1.42 -8.86 8.57
C10 OLA P . -2.68 -9.51 8.96
C1 OLA Q . -6.02 7.72 -5.88
O1 OLA Q . -5.09 7.02 -5.43
O2 OLA Q . -6.23 7.72 -7.12
C2 OLA Q . -6.88 8.54 -4.96
C3 OLA Q . -8.03 7.70 -4.41
C4 OLA Q . -8.39 8.12 -2.98
C5 OLA Q . -7.20 8.01 -2.05
C6 OLA Q . -7.64 7.75 -0.62
C7 OLA Q . -7.48 9.01 0.24
C1 OLA R . 4.78 15.61 -0.14
O1 OLA R . 4.23 14.57 0.27
O2 OLA R . 5.39 15.59 -1.23
C2 OLA R . 4.72 16.88 0.67
C3 OLA R . 5.04 16.57 2.13
C4 OLA R . 4.09 17.31 3.07
C5 OLA R . 4.66 17.34 4.49
C6 OLA R . 3.53 17.42 5.52
C7 OLA R . 3.47 18.81 6.15
NA NA S . 4.93 5.31 10.01
#